data_1F0C
#
_entry.id   1F0C
#
_cell.length_a   49.203
_cell.length_b   92.455
_cell.length_c   100.454
_cell.angle_alpha   90.00
_cell.angle_beta   90.00
_cell.angle_gamma   90.00
#
_symmetry.space_group_name_H-M   'P 21 21 21'
#
loop_
_entity.id
_entity.type
_entity.pdbx_description
1 polymer 'ICE INHIBITOR'
2 polymer 'ICE INHIBITOR'
3 non-polymer 2,3-DIHYDROXY-1,4-DITHIOBUTANE
4 water water
#
loop_
_entity_poly.entity_id
_entity_poly.type
_entity_poly.pdbx_seq_one_letter_code
_entity_poly.pdbx_strand_id
1 'polypeptide(L)'
;MDIFREIASSMKGENVFISPPSISSVLTILYYGANGSTAEQLSKYVEKEADKNKDDISFKSMNKVYGRYSAVFKDSFLRK
IGDNFQTVDFTDCRTVDAINKCVDIFTEGKINPLLDEPLSPDTCLLAISAVYFKAKWLMPFEKEFTSDYPFYVSPTEMVD
VSMMSMYGEAFNHASVKESFGNFSIIELPYVGDTSMVVILPDNIDGLESIEQNLTDTNFKKWCDSMDAMFIDVHIPKFKV
TGSYNLVDALVKLGLTEVFGSTGDYSNMCNSDVSVDAMIHKTYIDVNEEYTEAAAATCALVADCA
;
A
2 'polypeptide(L)' STVTNEFCADHPFIYVIRHVDGKILFVGRYCSPTTN B
#
loop_
_chem_comp.id
_chem_comp.type
_chem_comp.name
_chem_comp.formula
DTT non-polymer 2,3-DIHYDROXY-1,4-DITHIOBUTANE 'C4 H10 O2 S2'
#
# COMPACT_ATOMS: atom_id res chain seq x y z
N MET A 1 5.96 -6.46 6.96
CA MET A 1 4.74 -6.36 6.11
C MET A 1 4.44 -7.62 5.32
N ASP A 2 3.60 -8.45 5.93
CA ASP A 2 3.15 -9.74 5.41
C ASP A 2 2.79 -9.73 3.92
N ILE A 3 1.74 -8.98 3.59
CA ILE A 3 1.22 -8.82 2.24
C ILE A 3 2.25 -8.22 1.30
N PHE A 4 2.97 -7.21 1.76
CA PHE A 4 3.98 -6.60 0.91
C PHE A 4 4.98 -7.66 0.45
N ARG A 5 5.46 -8.46 1.38
CA ARG A 5 6.43 -9.48 1.01
C ARG A 5 5.89 -10.39 -0.04
N GLU A 6 4.68 -10.94 0.16
CA GLU A 6 4.13 -11.79 -0.88
C GLU A 6 4.12 -11.13 -2.24
N ILE A 7 3.43 -10.00 -2.32
CA ILE A 7 3.36 -9.32 -3.62
C ILE A 7 4.76 -9.09 -4.17
N ALA A 8 5.68 -8.59 -3.34
CA ALA A 8 7.03 -8.33 -3.83
C ALA A 8 7.70 -9.61 -4.36
N SER A 9 7.72 -10.67 -3.55
CA SER A 9 8.34 -11.92 -3.97
C SER A 9 7.78 -12.45 -5.30
N SER A 10 6.50 -12.23 -5.56
CA SER A 10 5.94 -12.75 -6.81
C SER A 10 6.00 -11.84 -8.02
N MET A 11 6.74 -10.74 -7.93
CA MET A 11 6.86 -9.80 -9.03
C MET A 11 8.31 -9.33 -9.09
N LYS A 12 9.23 -10.27 -8.90
CA LYS A 12 10.66 -10.00 -8.92
C LYS A 12 11.04 -8.97 -10.00
N GLY A 13 11.88 -8.02 -9.62
CA GLY A 13 12.32 -7.00 -10.55
C GLY A 13 11.37 -5.83 -10.70
N GLU A 14 10.15 -5.97 -10.21
CA GLU A 14 9.13 -4.92 -10.39
C GLU A 14 8.93 -3.94 -9.23
N ASN A 15 8.70 -2.67 -9.54
CA ASN A 15 8.41 -1.69 -8.50
C ASN A 15 7.14 -2.14 -7.84
N VAL A 16 7.04 -1.95 -6.53
CA VAL A 16 5.81 -2.34 -5.84
C VAL A 16 5.45 -1.26 -4.83
N PHE A 17 4.16 -0.92 -4.72
CA PHE A 17 3.70 0.10 -3.77
C PHE A 17 2.26 -0.24 -3.35
N ILE A 18 2.08 -0.45 -2.04
CA ILE A 18 0.77 -0.81 -1.51
C ILE A 18 0.47 -0.08 -0.22
N SER A 19 -0.82 -0.04 0.12
CA SER A 19 -1.31 0.59 1.33
C SER A 19 -1.94 -0.45 2.22
N PRO A 20 -1.15 -1.00 3.16
CA PRO A 20 -1.68 -2.03 4.05
C PRO A 20 -3.00 -1.66 4.77
N PRO A 21 -3.16 -0.43 5.27
CA PRO A 21 -4.47 -0.22 5.91
C PRO A 21 -5.67 -0.34 4.96
N SER A 22 -5.55 0.18 3.74
CA SER A 22 -6.63 0.04 2.77
C SER A 22 -7.05 -1.46 2.55
N ILE A 23 -6.06 -2.32 2.41
CA ILE A 23 -6.31 -3.72 2.21
C ILE A 23 -6.95 -4.27 3.48
N SER A 24 -6.37 -3.94 4.61
CA SER A 24 -6.90 -4.44 5.84
C SER A 24 -8.35 -4.01 6.14
N SER A 25 -8.72 -2.83 5.69
CA SER A 25 -10.06 -2.36 5.96
C SER A 25 -11.09 -3.09 5.04
N VAL A 26 -10.69 -3.52 3.84
CA VAL A 26 -11.65 -4.26 3.05
C VAL A 26 -11.79 -5.68 3.64
N LEU A 27 -10.67 -6.26 4.06
CA LEU A 27 -10.70 -7.61 4.61
C LEU A 27 -11.56 -7.64 5.85
N THR A 28 -11.58 -6.54 6.58
CA THR A 28 -12.37 -6.42 7.77
C THR A 28 -13.88 -6.40 7.38
N ILE A 29 -14.23 -5.77 6.26
CA ILE A 29 -15.63 -5.74 5.86
C ILE A 29 -16.02 -7.18 5.69
N LEU A 30 -15.27 -7.89 4.87
CA LEU A 30 -15.48 -9.31 4.60
C LEU A 30 -15.59 -10.14 5.87
N TYR A 31 -14.79 -9.77 6.87
CA TYR A 31 -14.77 -10.46 8.17
C TYR A 31 -16.12 -10.36 8.84
N TYR A 32 -16.66 -9.13 8.80
CA TYR A 32 -17.93 -8.81 9.38
C TYR A 32 -19.03 -9.72 8.86
N GLY A 33 -18.88 -10.20 7.62
CA GLY A 33 -19.93 -11.05 7.05
C GLY A 33 -19.60 -12.51 6.92
N ALA A 34 -18.42 -12.88 7.38
CA ALA A 34 -17.98 -14.24 7.27
C ALA A 34 -18.30 -15.09 8.48
N ASN A 35 -18.40 -16.39 8.27
CA ASN A 35 -18.64 -17.27 9.39
C ASN A 35 -17.69 -18.45 9.35
N GLY A 36 -17.39 -18.94 10.54
CA GLY A 36 -16.54 -20.10 10.66
C GLY A 36 -15.07 -19.96 10.33
N SER A 37 -14.64 -20.79 9.38
CA SER A 37 -13.27 -20.87 8.90
C SER A 37 -12.87 -19.58 8.19
N THR A 38 -13.71 -19.15 7.25
CA THR A 38 -13.47 -17.92 6.52
C THR A 38 -13.24 -16.83 7.56
N ALA A 39 -14.12 -16.75 8.55
CA ALA A 39 -13.99 -15.74 9.60
C ALA A 39 -12.66 -15.86 10.35
N GLU A 40 -12.29 -17.10 10.68
CA GLU A 40 -11.05 -17.33 11.41
C GLU A 40 -9.85 -16.89 10.60
N GLN A 41 -9.79 -17.28 9.33
CA GLN A 41 -8.69 -16.90 8.46
C GLN A 41 -8.54 -15.38 8.33
N LEU A 42 -9.66 -14.67 8.23
CA LEU A 42 -9.66 -13.21 8.08
C LEU A 42 -9.37 -12.43 9.35
N SER A 43 -9.76 -12.94 10.50
CA SER A 43 -9.52 -12.25 11.77
C SER A 43 -8.08 -11.78 11.93
N LYS A 44 -7.14 -12.56 11.39
CA LYS A 44 -5.74 -12.21 11.50
C LYS A 44 -5.42 -10.87 10.85
N TYR A 45 -6.41 -10.21 10.27
CA TYR A 45 -6.19 -8.92 9.60
C TYR A 45 -7.10 -7.81 10.08
N VAL A 46 -7.83 -8.04 11.14
CA VAL A 46 -8.73 -7.03 11.66
C VAL A 46 -7.96 -6.08 12.56
N GLU A 47 -7.91 -4.80 12.19
CA GLU A 47 -7.20 -3.82 13.01
C GLU A 47 -8.13 -3.06 13.96
N ASP A 56 -5.37 12.51 11.60
CA ASP A 56 -4.28 13.44 11.19
C ASP A 56 -4.74 14.28 9.99
N ILE A 57 -3.99 15.34 9.71
CA ILE A 57 -4.32 16.22 8.59
C ILE A 57 -3.68 15.74 7.30
N SER A 58 -2.81 14.75 7.39
CA SER A 58 -2.14 14.27 6.18
C SER A 58 -2.73 13.01 5.55
N PHE A 59 -3.32 12.15 6.38
CA PHE A 59 -3.89 10.90 5.94
C PHE A 59 -5.41 10.74 6.08
N LYS A 60 -6.11 10.53 4.99
CA LYS A 60 -7.53 10.29 5.10
C LYS A 60 -7.96 8.97 4.44
N SER A 61 -8.90 8.28 5.06
CA SER A 61 -9.40 7.03 4.50
C SER A 61 -10.91 7.01 4.58
N MET A 62 -11.56 6.20 3.74
CA MET A 62 -13.02 6.07 3.75
C MET A 62 -13.41 4.72 3.20
N ASN A 63 -14.43 4.11 3.78
CA ASN A 63 -14.91 2.82 3.30
C ASN A 63 -16.37 2.94 2.88
N LYS A 64 -16.70 2.32 1.76
CA LYS A 64 -18.05 2.32 1.26
C LYS A 64 -18.39 0.89 0.96
N VAL A 65 -19.62 0.55 1.25
CA VAL A 65 -20.09 -0.78 0.94
C VAL A 65 -21.35 -0.58 0.13
N TYR A 66 -21.36 -1.17 -1.05
CA TYR A 66 -22.51 -1.07 -1.93
C TYR A 66 -23.18 -2.43 -2.01
N GLY A 67 -24.47 -2.49 -1.69
CA GLY A 67 -25.17 -3.78 -1.74
C GLY A 67 -26.18 -3.84 -2.87
N ARG A 68 -26.38 -5.03 -3.43
CA ARG A 68 -27.36 -5.20 -4.50
C ARG A 68 -28.72 -4.94 -3.86
N TYR A 69 -29.49 -4.03 -4.44
CA TYR A 69 -30.79 -3.65 -3.91
C TYR A 69 -31.78 -4.79 -3.70
N SER A 70 -31.75 -5.79 -4.58
CA SER A 70 -32.67 -6.92 -4.49
C SER A 70 -32.19 -7.97 -3.51
N ALA A 71 -31.04 -7.75 -2.87
CA ALA A 71 -30.56 -8.71 -1.89
C ALA A 71 -31.16 -8.35 -0.52
N VAL A 72 -31.16 -9.31 0.40
CA VAL A 72 -31.68 -9.07 1.74
C VAL A 72 -30.46 -9.32 2.63
N PHE A 73 -30.09 -8.34 3.44
CA PHE A 73 -28.92 -8.45 4.29
C PHE A 73 -29.16 -8.77 5.76
N LYS A 74 -28.10 -9.24 6.42
CA LYS A 74 -28.14 -9.56 7.85
C LYS A 74 -27.88 -8.27 8.60
N ASP A 75 -28.75 -7.96 9.56
CA ASP A 75 -28.64 -6.75 10.38
C ASP A 75 -27.32 -6.64 11.11
N SER A 76 -26.78 -7.78 11.54
CA SER A 76 -25.51 -7.77 12.26
C SER A 76 -24.45 -7.22 11.31
N PHE A 77 -24.34 -7.86 10.15
CA PHE A 77 -23.37 -7.40 9.16
C PHE A 77 -23.51 -5.89 8.99
N LEU A 78 -24.73 -5.41 8.83
CA LEU A 78 -24.99 -3.99 8.63
C LEU A 78 -24.73 -3.14 9.84
N ARG A 79 -24.83 -3.75 11.02
CA ARG A 79 -24.59 -3.03 12.27
C ARG A 79 -23.10 -2.74 12.32
N LYS A 80 -22.30 -3.76 12.03
CA LYS A 80 -20.84 -3.69 12.05
C LYS A 80 -20.23 -2.77 11.01
N ILE A 81 -20.98 -2.50 9.96
CA ILE A 81 -20.49 -1.67 8.87
C ILE A 81 -20.83 -0.20 9.01
N GLY A 82 -21.93 0.08 9.71
CA GLY A 82 -22.36 1.45 9.93
C GLY A 82 -22.91 2.21 8.75
N ASP A 83 -22.89 3.52 8.87
CA ASP A 83 -23.40 4.41 7.84
C ASP A 83 -22.57 4.41 6.57
N ASN A 84 -21.77 3.37 6.35
CA ASN A 84 -20.97 3.26 5.14
C ASN A 84 -21.68 2.36 4.12
N PHE A 85 -22.93 2.03 4.39
CA PHE A 85 -23.70 1.15 3.53
C PHE A 85 -24.64 1.87 2.59
N GLN A 86 -24.80 1.29 1.42
CA GLN A 86 -25.62 1.88 0.40
C GLN A 86 -26.07 0.80 -0.56
N THR A 87 -27.31 0.94 -1.00
CA THR A 87 -27.94 0.01 -1.92
C THR A 87 -27.86 0.53 -3.35
N VAL A 88 -27.57 -0.33 -4.31
CA VAL A 88 -27.49 0.14 -5.69
C VAL A 88 -27.83 -0.99 -6.65
N ASP A 89 -28.01 -0.60 -7.90
CA ASP A 89 -28.31 -1.54 -8.96
C ASP A 89 -27.04 -1.75 -9.78
N PHE A 90 -26.44 -2.92 -9.62
CA PHE A 90 -25.21 -3.21 -10.36
C PHE A 90 -25.45 -3.39 -11.85
N THR A 91 -26.72 -3.59 -12.21
CA THR A 91 -27.17 -3.76 -13.58
C THR A 91 -26.82 -2.51 -14.39
N ASP A 92 -27.32 -1.37 -13.93
CA ASP A 92 -27.08 -0.13 -14.63
C ASP A 92 -25.58 0.19 -14.57
N CYS A 93 -24.99 0.56 -15.72
CA CYS A 93 -23.55 0.82 -15.72
C CYS A 93 -23.14 2.18 -15.17
N ARG A 94 -24.11 3.10 -15.04
CA ARG A 94 -23.88 4.41 -14.45
C ARG A 94 -23.40 4.15 -13.02
N THR A 95 -23.71 2.97 -12.53
CA THR A 95 -23.33 2.60 -11.21
C THR A 95 -21.81 2.57 -11.09
N VAL A 96 -21.14 1.94 -12.04
CA VAL A 96 -19.68 1.89 -12.03
C VAL A 96 -19.13 3.30 -12.10
N ASP A 97 -19.70 4.13 -12.97
CA ASP A 97 -19.23 5.50 -13.05
C ASP A 97 -19.44 6.27 -11.75
N ALA A 98 -20.54 6.04 -11.06
CA ALA A 98 -20.74 6.79 -9.81
C ALA A 98 -19.70 6.35 -8.76
N ILE A 99 -19.43 5.04 -8.69
CA ILE A 99 -18.44 4.54 -7.74
C ILE A 99 -17.05 5.13 -8.03
N ASN A 100 -16.62 5.06 -9.29
CA ASN A 100 -15.32 5.59 -9.68
C ASN A 100 -15.22 7.07 -9.43
N LYS A 101 -16.29 7.80 -9.74
CA LYS A 101 -16.23 9.22 -9.56
C LYS A 101 -16.00 9.49 -8.10
N CYS A 102 -16.68 8.75 -7.24
CA CYS A 102 -16.49 8.95 -5.80
C CYS A 102 -15.03 8.66 -5.39
N VAL A 103 -14.46 7.54 -5.84
CA VAL A 103 -13.09 7.19 -5.44
C VAL A 103 -12.15 8.24 -6.04
N ASP A 104 -12.49 8.67 -7.25
CA ASP A 104 -11.75 9.68 -7.95
C ASP A 104 -11.69 11.02 -7.21
N ILE A 105 -12.81 11.57 -6.77
CA ILE A 105 -12.65 12.84 -6.08
C ILE A 105 -12.03 12.72 -4.68
N PHE A 106 -12.32 11.65 -3.95
CA PHE A 106 -11.71 11.41 -2.64
C PHE A 106 -10.16 11.28 -2.69
N THR A 107 -9.62 10.74 -3.78
CA THR A 107 -8.18 10.54 -3.97
C THR A 107 -7.57 11.64 -4.81
N GLU A 108 -8.31 12.74 -4.94
CA GLU A 108 -7.87 13.91 -5.68
C GLU A 108 -7.44 13.59 -7.10
N GLY A 109 -8.17 12.69 -7.74
CA GLY A 109 -7.87 12.28 -9.11
C GLY A 109 -6.78 11.22 -9.27
N LYS A 110 -6.21 10.71 -8.17
CA LYS A 110 -5.11 9.76 -8.30
C LYS A 110 -5.45 8.32 -8.56
N ILE A 111 -6.64 7.90 -8.15
CA ILE A 111 -7.10 6.54 -8.40
C ILE A 111 -8.37 6.74 -9.28
N ASN A 112 -8.20 6.54 -10.58
CA ASN A 112 -9.27 6.72 -11.54
C ASN A 112 -8.98 6.05 -12.90
N PRO A 113 -9.76 5.03 -13.25
CA PRO A 113 -10.88 4.50 -12.45
C PRO A 113 -10.45 3.32 -11.61
N LEU A 114 -11.05 3.17 -10.44
CA LEU A 114 -10.77 1.99 -9.64
C LEU A 114 -11.34 0.74 -10.36
N LEU A 115 -12.60 0.82 -10.82
CA LEU A 115 -13.26 -0.29 -11.50
C LEU A 115 -13.10 -0.20 -13.02
N ASP A 116 -12.54 -1.26 -13.61
CA ASP A 116 -12.27 -1.31 -15.04
C ASP A 116 -13.24 -2.13 -15.88
N GLU A 117 -14.03 -2.98 -15.24
CA GLU A 117 -14.95 -3.81 -15.98
C GLU A 117 -16.37 -3.62 -15.51
N PRO A 118 -17.31 -3.54 -16.47
CA PRO A 118 -18.71 -3.37 -16.08
C PRO A 118 -18.96 -4.55 -15.17
N LEU A 119 -19.32 -4.29 -13.92
CA LEU A 119 -19.57 -5.36 -12.97
C LEU A 119 -20.57 -6.35 -13.53
N SER A 120 -20.57 -7.53 -12.94
CA SER A 120 -21.45 -8.60 -13.35
C SER A 120 -22.78 -8.53 -12.59
N PRO A 121 -23.89 -8.94 -13.25
CA PRO A 121 -25.20 -8.91 -12.59
C PRO A 121 -25.16 -9.99 -11.51
N ASP A 122 -24.15 -10.85 -11.60
CA ASP A 122 -23.90 -11.93 -10.66
C ASP A 122 -23.40 -11.31 -9.35
N THR A 123 -23.13 -10.01 -9.37
CA THR A 123 -22.60 -9.32 -8.21
C THR A 123 -23.60 -8.98 -7.09
N CYS A 124 -23.19 -9.27 -5.86
CA CYS A 124 -24.02 -9.02 -4.68
C CYS A 124 -23.53 -7.84 -3.82
N LEU A 125 -22.23 -7.74 -3.63
CA LEU A 125 -21.69 -6.69 -2.80
C LEU A 125 -20.29 -6.21 -3.20
N LEU A 126 -20.08 -4.89 -3.05
CA LEU A 126 -18.78 -4.27 -3.31
C LEU A 126 -18.32 -3.58 -2.05
N ALA A 127 -17.18 -3.99 -1.50
CA ALA A 127 -16.63 -3.32 -0.32
C ALA A 127 -15.40 -2.60 -0.87
N ILE A 128 -15.43 -1.28 -0.79
CA ILE A 128 -14.37 -0.44 -1.27
C ILE A 128 -13.72 0.39 -0.19
N SER A 129 -12.42 0.55 -0.35
CA SER A 129 -11.65 1.35 0.58
C SER A 129 -10.83 2.29 -0.27
N ALA A 130 -10.67 3.51 0.21
CA ALA A 130 -9.84 4.48 -0.47
C ALA A 130 -9.09 5.25 0.59
N VAL A 131 -7.84 5.61 0.29
CA VAL A 131 -7.03 6.32 1.23
C VAL A 131 -6.26 7.33 0.42
N TYR A 132 -5.93 8.45 1.06
CA TYR A 132 -5.22 9.56 0.41
C TYR A 132 -4.24 10.16 1.40
N PHE A 133 -3.09 10.58 0.87
CA PHE A 133 -2.04 11.19 1.69
C PHE A 133 -1.30 12.25 0.91
N LYS A 134 -1.03 13.38 1.55
CA LYS A 134 -0.23 14.40 0.91
C LYS A 134 0.39 15.23 2.01
N ALA A 135 1.69 15.46 1.91
CA ALA A 135 2.38 16.25 2.94
C ALA A 135 3.70 16.76 2.41
N LYS A 136 4.04 17.97 2.86
CA LYS A 136 5.28 18.59 2.46
C LYS A 136 6.37 18.03 3.36
N TRP A 137 7.58 17.93 2.81
CA TRP A 137 8.73 17.45 3.60
C TRP A 137 8.96 18.48 4.71
N LEU A 138 9.37 18.07 5.91
CA LEU A 138 9.65 19.07 6.96
C LEU A 138 10.65 20.05 6.31
N MET A 139 11.58 19.51 5.54
CA MET A 139 12.55 20.34 4.83
C MET A 139 12.63 19.93 3.37
N PRO A 140 12.07 20.75 2.50
CA PRO A 140 12.02 20.54 1.05
C PRO A 140 13.42 20.30 0.45
N PHE A 141 13.47 19.60 -0.68
CA PHE A 141 14.72 19.39 -1.37
C PHE A 141 14.77 20.62 -2.26
N GLU A 142 15.94 21.17 -2.57
CA GLU A 142 15.97 22.33 -3.45
C GLU A 142 16.09 21.88 -4.91
N LYS A 143 15.13 22.27 -5.74
CA LYS A 143 15.19 21.88 -7.14
C LYS A 143 16.54 22.16 -7.77
N GLU A 144 17.26 23.14 -7.22
CA GLU A 144 18.54 23.49 -7.78
C GLU A 144 19.53 22.34 -7.74
N PHE A 145 19.39 21.48 -6.75
CA PHE A 145 20.27 20.33 -6.58
C PHE A 145 19.79 19.06 -7.25
N THR A 146 18.64 19.11 -7.92
CA THR A 146 18.12 17.91 -8.56
C THR A 146 18.78 17.68 -9.89
N SER A 147 19.41 16.54 -10.07
CA SER A 147 20.01 16.29 -11.37
C SER A 147 20.07 14.80 -11.64
N ASP A 148 20.35 14.51 -12.90
CA ASP A 148 20.45 13.15 -13.41
C ASP A 148 21.64 12.38 -12.89
N TYR A 149 21.41 11.19 -12.38
CA TYR A 149 22.50 10.36 -11.90
C TYR A 149 22.13 8.94 -12.35
N PRO A 150 23.13 8.07 -12.47
CA PRO A 150 22.92 6.68 -12.87
C PRO A 150 22.26 5.96 -11.66
N PHE A 151 21.32 5.05 -11.94
CA PHE A 151 20.68 4.31 -10.87
C PHE A 151 20.96 2.87 -11.23
N TYR A 152 21.40 2.07 -10.27
CA TYR A 152 21.68 0.67 -10.57
C TYR A 152 20.50 -0.28 -10.48
N VAL A 153 19.87 -0.53 -11.62
CA VAL A 153 18.77 -1.47 -11.74
C VAL A 153 19.35 -2.86 -11.38
N SER A 154 20.61 -3.11 -11.78
CA SER A 154 21.35 -4.32 -11.43
C SER A 154 22.80 -3.86 -11.31
N PRO A 155 23.73 -4.72 -10.85
CA PRO A 155 25.13 -4.33 -10.71
C PRO A 155 25.76 -3.69 -11.93
N THR A 156 25.41 -4.10 -13.14
CA THR A 156 26.03 -3.50 -14.32
C THR A 156 25.01 -2.92 -15.36
N GLU A 157 23.79 -2.66 -14.88
CA GLU A 157 22.80 -2.01 -15.71
C GLU A 157 22.46 -0.63 -15.10
N MET A 158 22.93 0.40 -15.77
CA MET A 158 22.72 1.73 -15.29
C MET A 158 21.67 2.47 -16.08
N VAL A 159 20.80 3.15 -15.36
CA VAL A 159 19.72 3.91 -15.97
C VAL A 159 19.69 5.29 -15.35
N ASP A 160 19.41 6.28 -16.18
CA ASP A 160 19.32 7.66 -15.75
C ASP A 160 18.09 7.98 -14.85
N VAL A 161 18.32 8.56 -13.67
CA VAL A 161 17.19 8.98 -12.85
C VAL A 161 17.47 10.38 -12.34
N SER A 162 16.40 11.13 -12.18
CA SER A 162 16.46 12.45 -11.63
C SER A 162 16.60 12.21 -10.09
N MET A 163 17.76 12.56 -9.56
CA MET A 163 18.11 12.38 -8.15
C MET A 163 18.02 13.65 -7.32
N MET A 164 17.29 13.61 -6.21
CA MET A 164 17.19 14.79 -5.34
C MET A 164 18.30 14.70 -4.29
N SER A 165 18.85 15.85 -3.91
CA SER A 165 19.93 15.94 -2.96
C SER A 165 19.70 16.96 -1.87
N MET A 166 20.09 16.60 -0.65
CA MET A 166 19.95 17.50 0.47
C MET A 166 21.25 17.34 1.25
N TYR A 167 22.05 18.40 1.32
CA TYR A 167 23.33 18.34 2.03
C TYR A 167 23.39 18.88 3.44
N GLY A 168 24.21 18.19 4.23
CA GLY A 168 24.48 18.56 5.59
C GLY A 168 23.39 18.90 6.58
N GLU A 169 22.29 18.16 6.56
CA GLU A 169 21.24 18.40 7.53
C GLU A 169 21.37 17.16 8.39
N ALA A 170 20.65 17.07 9.49
CA ALA A 170 20.76 15.89 10.31
C ALA A 170 19.46 15.13 10.21
N PHE A 171 19.52 13.82 10.35
CA PHE A 171 18.32 12.98 10.31
C PHE A 171 18.50 11.77 11.20
N ASN A 172 17.40 11.20 11.63
CA ASN A 172 17.45 9.97 12.39
C ASN A 172 17.93 8.96 11.39
N HIS A 173 18.85 8.12 11.81
CA HIS A 173 19.50 7.16 10.95
C HIS A 173 20.15 6.04 11.75
N ALA A 174 20.32 4.89 11.11
CA ALA A 174 20.95 3.76 11.76
C ALA A 174 21.65 2.87 10.73
N SER A 175 22.82 2.37 11.10
CA SER A 175 23.58 1.43 10.29
C SER A 175 23.17 0.14 10.94
N VAL A 176 22.56 -0.73 10.16
CA VAL A 176 22.07 -1.98 10.67
C VAL A 176 22.85 -3.16 10.11
N LYS A 177 23.28 -4.05 11.01
CA LYS A 177 24.00 -5.24 10.60
C LYS A 177 23.05 -6.41 10.91
N GLU A 178 22.79 -7.22 9.90
CA GLU A 178 21.88 -8.32 10.09
C GLU A 178 22.39 -9.55 9.36
N SER A 179 22.05 -10.72 9.90
CA SER A 179 22.49 -11.94 9.26
C SER A 179 22.00 -11.95 7.81
N PHE A 180 20.87 -11.31 7.54
CA PHE A 180 20.32 -11.28 6.17
C PHE A 180 20.73 -10.09 5.29
N GLY A 181 21.74 -9.33 5.71
CA GLY A 181 22.20 -8.19 4.93
C GLY A 181 22.35 -6.93 5.77
N ASN A 182 23.34 -6.11 5.45
CA ASN A 182 23.54 -4.88 6.17
C ASN A 182 22.93 -3.75 5.36
N PHE A 183 22.41 -2.75 6.05
CA PHE A 183 21.77 -1.65 5.35
C PHE A 183 21.76 -0.41 6.18
N SER A 184 21.42 0.68 5.55
CA SER A 184 21.32 1.94 6.22
C SER A 184 19.81 2.27 6.27
N ILE A 185 19.37 2.92 7.34
CA ILE A 185 17.97 3.24 7.43
C ILE A 185 17.84 4.67 7.86
N ILE A 186 17.06 5.41 7.09
CA ILE A 186 16.90 6.81 7.41
C ILE A 186 15.45 7.21 7.52
N GLU A 187 15.18 8.24 8.28
CA GLU A 187 13.84 8.76 8.43
C GLU A 187 13.78 10.19 7.88
N LEU A 188 12.92 10.41 6.89
CA LEU A 188 12.73 11.74 6.30
C LEU A 188 11.33 12.22 6.79
N PRO A 189 11.30 13.23 7.66
CA PRO A 189 10.04 13.74 8.18
C PRO A 189 9.19 14.63 7.30
N TYR A 190 7.88 14.52 7.47
CA TYR A 190 6.94 15.40 6.73
C TYR A 190 6.42 16.43 7.73
N VAL A 191 5.99 17.59 7.26
CA VAL A 191 5.37 18.57 8.16
C VAL A 191 4.26 17.77 8.80
N GLY A 192 4.09 17.86 10.11
CA GLY A 192 3.03 17.11 10.76
C GLY A 192 3.58 15.93 11.52
N ASP A 193 2.84 14.83 11.62
CA ASP A 193 3.34 13.68 12.37
C ASP A 193 3.60 12.41 11.55
N THR A 194 4.02 12.56 10.30
CA THR A 194 4.32 11.39 9.55
C THR A 194 5.73 11.53 8.97
N SER A 195 6.29 10.40 8.53
CA SER A 195 7.60 10.45 7.90
C SER A 195 7.78 9.34 6.90
N MET A 196 8.83 9.45 6.10
CA MET A 196 9.16 8.38 5.16
C MET A 196 10.47 7.77 5.62
N VAL A 197 10.44 6.48 5.96
CA VAL A 197 11.61 5.74 6.37
C VAL A 197 12.09 4.97 5.13
N VAL A 198 13.38 5.12 4.81
CA VAL A 198 13.96 4.47 3.66
C VAL A 198 15.08 3.46 4.10
N ILE A 199 15.01 2.24 3.57
CA ILE A 199 15.93 1.16 3.85
C ILE A 199 16.80 0.89 2.62
N LEU A 200 18.07 1.26 2.74
CA LEU A 200 19.03 1.08 1.65
C LEU A 200 20.13 0.04 1.92
N PRO A 201 20.09 -1.12 1.24
CA PRO A 201 21.08 -2.21 1.40
C PRO A 201 22.46 -1.62 1.14
N ASP A 202 23.48 -2.14 1.83
CA ASP A 202 24.85 -1.67 1.59
C ASP A 202 25.30 -2.31 0.28
N ASN A 203 24.77 -3.48 0.02
CA ASN A 203 25.11 -4.14 -1.24
C ASN A 203 24.22 -3.68 -2.38
N ILE A 204 24.87 -3.22 -3.45
CA ILE A 204 24.13 -2.73 -4.60
C ILE A 204 23.01 -3.66 -4.99
N ASP A 205 23.14 -4.95 -4.68
CA ASP A 205 22.12 -5.91 -5.08
C ASP A 205 21.53 -6.67 -3.91
N GLY A 206 21.57 -6.09 -2.71
CA GLY A 206 21.08 -6.82 -1.55
C GLY A 206 19.68 -6.64 -1.01
N LEU A 207 18.80 -6.05 -1.80
CA LEU A 207 17.47 -5.78 -1.30
C LEU A 207 16.65 -6.99 -0.96
N GLU A 208 16.69 -7.98 -1.83
CA GLU A 208 15.87 -9.18 -1.64
C GLU A 208 15.96 -9.92 -0.31
N SER A 209 17.15 -10.14 0.21
CA SER A 209 17.20 -10.89 1.46
C SER A 209 16.72 -10.03 2.62
N ILE A 210 16.83 -8.71 2.49
CA ILE A 210 16.37 -7.82 3.57
C ILE A 210 14.85 -7.77 3.46
N GLU A 211 14.38 -7.62 2.24
CA GLU A 211 12.95 -7.57 1.94
C GLU A 211 12.27 -8.76 2.58
N GLN A 212 12.88 -9.92 2.36
CA GLN A 212 12.40 -11.17 2.89
C GLN A 212 12.28 -11.17 4.41
N ASN A 213 12.92 -10.25 5.10
CA ASN A 213 12.83 -10.20 6.55
C ASN A 213 12.23 -8.90 7.02
N LEU A 214 11.48 -8.25 6.15
CA LEU A 214 10.87 -6.99 6.56
C LEU A 214 9.66 -7.36 7.41
N THR A 215 9.83 -7.28 8.71
CA THR A 215 8.79 -7.65 9.62
C THR A 215 8.42 -6.48 10.50
N ASP A 216 7.15 -6.42 10.90
CA ASP A 216 6.70 -5.33 11.77
C ASP A 216 7.59 -5.27 12.99
N THR A 217 7.94 -6.44 13.50
CA THR A 217 8.81 -6.52 14.66
C THR A 217 10.21 -6.01 14.33
N ASN A 218 10.77 -6.48 13.22
CA ASN A 218 12.11 -6.04 12.84
C ASN A 218 12.16 -4.57 12.55
N PHE A 219 11.18 -4.13 11.76
CA PHE A 219 11.11 -2.74 11.34
C PHE A 219 11.10 -1.78 12.52
N LYS A 220 10.39 -2.17 13.58
CA LYS A 220 10.34 -1.31 14.73
C LYS A 220 11.66 -1.29 15.47
N LYS A 221 12.31 -2.45 15.53
CA LYS A 221 13.61 -2.53 16.22
C LYS A 221 14.57 -1.53 15.57
N TRP A 222 14.61 -1.58 14.23
CA TRP A 222 15.45 -0.70 13.44
C TRP A 222 15.11 0.77 13.69
N CYS A 223 13.82 1.10 13.69
CA CYS A 223 13.41 2.48 13.96
C CYS A 223 13.84 2.91 15.37
N ASP A 224 13.66 2.02 16.33
CA ASP A 224 14.02 2.29 17.71
C ASP A 224 15.49 2.64 17.87
N SER A 225 16.32 2.04 17.03
CA SER A 225 17.76 2.26 17.09
C SER A 225 18.27 3.49 16.38
N MET A 226 17.41 4.22 15.70
CA MET A 226 17.91 5.38 14.96
C MET A 226 18.31 6.57 15.84
N ASP A 227 19.36 7.27 15.43
CA ASP A 227 19.82 8.46 16.16
C ASP A 227 20.05 9.61 15.19
N ALA A 228 19.99 10.84 15.69
CA ALA A 228 20.23 11.99 14.83
C ALA A 228 21.71 12.01 14.46
N MET A 229 21.98 12.19 13.17
CA MET A 229 23.35 12.26 12.69
C MET A 229 23.33 13.11 11.46
N PHE A 230 24.45 13.74 11.18
CA PHE A 230 24.47 14.52 9.97
C PHE A 230 24.74 13.52 8.85
N ILE A 231 24.05 13.69 7.75
CA ILE A 231 24.26 12.77 6.64
C ILE A 231 23.66 13.43 5.44
N ASP A 232 24.31 13.27 4.31
CA ASP A 232 23.83 13.85 3.08
C ASP A 232 22.90 12.82 2.42
N VAL A 233 21.77 13.32 1.93
CA VAL A 233 20.72 12.50 1.30
C VAL A 233 20.52 12.75 -0.18
N HIS A 234 20.53 11.64 -0.94
CA HIS A 234 20.29 11.64 -2.40
C HIS A 234 19.30 10.52 -2.63
N ILE A 235 18.16 10.89 -3.19
CA ILE A 235 17.07 9.99 -3.45
C ILE A 235 16.38 10.38 -4.74
N PRO A 236 15.86 9.40 -5.47
CA PRO A 236 15.17 9.73 -6.71
C PRO A 236 13.85 10.48 -6.52
N LYS A 237 13.55 11.33 -7.48
CA LYS A 237 12.28 12.02 -7.52
C LYS A 237 11.49 10.92 -8.30
N PHE A 238 10.33 10.47 -7.83
CA PHE A 238 9.60 9.46 -8.62
C PHE A 238 8.08 9.40 -8.54
N LYS A 239 7.50 8.81 -9.59
CA LYS A 239 6.08 8.61 -9.69
C LYS A 239 5.81 7.16 -10.03
N VAL A 240 4.84 6.56 -9.38
CA VAL A 240 4.53 5.17 -9.62
C VAL A 240 3.05 4.93 -9.35
N THR A 241 2.48 4.08 -10.19
CA THR A 241 1.10 3.68 -10.05
C THR A 241 1.14 2.18 -10.14
N GLY A 242 0.37 1.54 -9.29
CA GLY A 242 0.37 0.10 -9.34
C GLY A 242 -1.06 -0.42 -9.36
N SER A 243 -1.18 -1.63 -9.88
CA SER A 243 -2.45 -2.30 -9.94
C SER A 243 -2.16 -3.76 -9.64
N TYR A 244 -2.75 -4.27 -8.57
CA TYR A 244 -2.52 -5.63 -8.10
C TYR A 244 -3.80 -6.45 -7.86
N ASN A 245 -3.74 -7.74 -8.20
CA ASN A 245 -4.82 -8.69 -7.96
C ASN A 245 -4.25 -9.34 -6.72
N LEU A 246 -4.94 -9.22 -5.59
CA LEU A 246 -4.42 -9.74 -4.33
C LEU A 246 -4.75 -11.18 -3.92
N VAL A 247 -5.69 -11.78 -4.64
CA VAL A 247 -6.16 -13.14 -4.39
C VAL A 247 -5.05 -14.16 -4.25
N ASP A 248 -4.23 -14.31 -5.30
CA ASP A 248 -3.14 -15.28 -5.25
C ASP A 248 -2.26 -15.06 -4.03
N ALA A 249 -1.83 -13.81 -3.86
CA ALA A 249 -1.00 -13.48 -2.74
C ALA A 249 -1.65 -13.84 -1.42
N LEU A 250 -2.93 -13.51 -1.29
CA LEU A 250 -3.64 -13.77 -0.04
C LEU A 250 -3.89 -15.24 0.21
N VAL A 251 -4.07 -16.00 -0.86
CA VAL A 251 -4.26 -17.43 -0.74
C VAL A 251 -2.94 -17.97 -0.22
N LYS A 252 -1.85 -17.70 -0.96
CA LYS A 252 -0.53 -18.15 -0.53
C LYS A 252 -0.28 -17.77 0.93
N LEU A 253 -1.01 -16.80 1.45
CA LEU A 253 -0.78 -16.39 2.83
C LEU A 253 -1.67 -17.10 3.83
N GLY A 254 -2.51 -18.00 3.33
CA GLY A 254 -3.39 -18.73 4.24
C GLY A 254 -4.88 -18.42 4.14
N LEU A 255 -5.25 -17.54 3.21
CA LEU A 255 -6.66 -17.20 3.03
C LEU A 255 -7.12 -18.12 1.92
N THR A 256 -7.31 -19.38 2.30
CA THR A 256 -7.72 -20.40 1.36
C THR A 256 -9.22 -20.71 1.43
N GLU A 257 -9.87 -20.27 2.52
CA GLU A 257 -11.30 -20.46 2.71
C GLU A 257 -12.00 -19.09 2.58
N VAL A 258 -11.42 -18.20 1.76
CA VAL A 258 -11.95 -16.85 1.61
C VAL A 258 -12.42 -16.44 0.23
N PHE A 259 -11.72 -16.85 -0.82
CA PHE A 259 -12.11 -16.48 -2.17
C PHE A 259 -12.78 -17.63 -2.91
N GLY A 260 -13.75 -17.30 -3.76
CA GLY A 260 -14.49 -18.31 -4.50
C GLY A 260 -15.42 -19.17 -3.65
N SER A 261 -16.18 -20.02 -4.33
CA SER A 261 -17.13 -20.97 -3.74
C SER A 261 -17.01 -21.28 -2.24
N THR A 262 -15.83 -21.73 -1.80
CA THR A 262 -15.62 -22.06 -0.39
C THR A 262 -15.78 -20.87 0.55
N GLY A 263 -16.02 -19.69 0.00
CA GLY A 263 -16.22 -18.55 0.87
C GLY A 263 -17.55 -18.71 1.59
N ASP A 264 -17.53 -18.55 2.91
CA ASP A 264 -18.73 -18.65 3.72
C ASP A 264 -19.09 -17.27 4.25
N TYR A 265 -20.13 -16.66 3.70
CA TYR A 265 -20.54 -15.35 4.19
C TYR A 265 -22.03 -15.29 4.50
N SER A 266 -22.47 -16.22 5.33
CA SER A 266 -23.88 -16.30 5.73
C SER A 266 -24.20 -15.31 6.84
N ASN A 267 -23.19 -14.58 7.29
CA ASN A 267 -23.37 -13.58 8.32
C ASN A 267 -23.48 -12.23 7.64
N MET A 268 -23.59 -12.28 6.32
CA MET A 268 -23.66 -11.10 5.48
C MET A 268 -24.97 -11.10 4.70
N CYS A 269 -25.16 -12.18 3.95
CA CYS A 269 -26.31 -12.38 3.09
C CYS A 269 -27.06 -13.65 3.47
N ASN A 270 -28.26 -13.74 2.90
CA ASN A 270 -29.15 -14.88 3.06
C ASN A 270 -28.63 -15.94 2.08
N SER A 271 -28.72 -15.60 0.81
CA SER A 271 -28.27 -16.45 -0.29
C SER A 271 -26.82 -16.90 -0.10
N ASP A 272 -26.29 -17.58 -1.11
CA ASP A 272 -24.92 -18.08 -1.09
C ASP A 272 -24.05 -17.14 -1.93
N VAL A 273 -23.23 -16.34 -1.27
CA VAL A 273 -22.38 -15.39 -1.97
C VAL A 273 -20.91 -15.82 -1.95
N SER A 274 -20.18 -15.39 -2.97
CA SER A 274 -18.76 -15.69 -3.05
C SER A 274 -17.97 -14.44 -3.44
N VAL A 275 -16.74 -14.34 -2.96
CA VAL A 275 -15.88 -13.21 -3.26
C VAL A 275 -14.94 -13.68 -4.37
N ASP A 276 -15.19 -13.18 -5.57
CA ASP A 276 -14.43 -13.60 -6.72
C ASP A 276 -13.35 -12.67 -7.27
N ALA A 277 -12.94 -11.66 -6.50
CA ALA A 277 -11.90 -10.75 -6.95
C ALA A 277 -11.54 -9.70 -5.92
N MET A 278 -10.27 -9.28 -5.91
CA MET A 278 -9.86 -8.26 -4.97
C MET A 278 -8.68 -7.47 -5.53
N ILE A 279 -8.98 -6.28 -6.02
CA ILE A 279 -7.97 -5.43 -6.63
C ILE A 279 -7.49 -4.32 -5.65
N HIS A 280 -6.25 -3.87 -5.86
CA HIS A 280 -5.62 -2.80 -5.07
C HIS A 280 -4.94 -1.97 -6.10
N LYS A 281 -5.28 -0.68 -6.16
CA LYS A 281 -4.64 0.26 -7.06
C LYS A 281 -4.00 1.32 -6.21
N THR A 282 -2.82 1.78 -6.64
CA THR A 282 -2.04 2.73 -5.84
C THR A 282 -1.34 3.74 -6.68
N TYR A 283 -0.94 4.81 -6.02
CA TYR A 283 -0.27 5.93 -6.66
C TYR A 283 0.61 6.64 -5.65
N ILE A 284 1.78 7.07 -6.10
CA ILE A 284 2.70 7.83 -5.26
C ILE A 284 3.56 8.74 -6.10
N ASP A 285 3.76 9.93 -5.57
CA ASP A 285 4.53 10.95 -6.21
C ASP A 285 5.43 11.52 -5.09
N VAL A 286 6.71 11.42 -5.34
CA VAL A 286 7.71 11.89 -4.42
C VAL A 286 8.45 12.94 -5.18
N ASN A 287 8.42 14.17 -4.70
CA ASN A 287 9.13 15.21 -5.41
C ASN A 287 9.90 16.09 -4.40
N GLU A 288 10.59 17.14 -4.85
CA GLU A 288 11.33 17.88 -3.85
C GLU A 288 10.51 18.68 -2.86
N GLU A 289 9.26 18.90 -3.20
CA GLU A 289 8.40 19.68 -2.34
C GLU A 289 7.58 18.84 -1.40
N TYR A 290 6.98 17.75 -1.92
CA TYR A 290 6.14 16.92 -1.07
C TYR A 290 6.06 15.50 -1.60
N THR A 291 5.29 14.68 -0.89
CA THR A 291 5.02 13.33 -1.29
C THR A 291 3.48 13.27 -1.36
N GLU A 292 2.95 12.66 -2.40
CA GLU A 292 1.51 12.48 -2.52
C GLU A 292 1.19 11.03 -2.83
N ALA A 293 0.30 10.43 -2.06
CA ALA A 293 -0.05 9.06 -2.31
C ALA A 293 -1.53 8.70 -2.11
N ALA A 294 -1.94 7.65 -2.81
CA ALA A 294 -3.30 7.21 -2.73
C ALA A 294 -3.39 5.76 -3.10
N ALA A 295 -4.46 5.14 -2.63
CA ALA A 295 -4.74 3.75 -2.90
C ALA A 295 -6.20 3.48 -2.68
N ALA A 296 -6.71 2.46 -3.37
CA ALA A 296 -8.11 2.05 -3.21
C ALA A 296 -8.11 0.55 -3.38
N THR A 297 -8.94 -0.10 -2.59
CA THR A 297 -9.04 -1.54 -2.59
C THR A 297 -10.50 -1.95 -2.77
N CYS A 298 -10.71 -2.99 -3.56
CA CYS A 298 -12.05 -3.45 -3.81
C CYS A 298 -12.16 -4.96 -3.83
N ALA A 299 -13.12 -5.48 -3.07
CA ALA A 299 -13.41 -6.92 -3.10
C ALA A 299 -14.85 -6.99 -3.65
N LEU A 300 -15.03 -7.81 -4.67
CA LEU A 300 -16.33 -8.00 -5.31
C LEU A 300 -16.96 -9.36 -4.96
N VAL A 301 -18.05 -9.32 -4.19
CA VAL A 301 -18.81 -10.50 -3.75
C VAL A 301 -19.97 -10.81 -4.73
N ALA A 302 -19.97 -12.03 -5.27
CA ALA A 302 -21.02 -12.41 -6.23
C ALA A 302 -21.73 -13.68 -5.80
N ASP A 303 -22.37 -14.32 -6.77
CA ASP A 303 -23.10 -15.56 -6.52
C ASP A 303 -24.33 -15.31 -5.66
N CYS A 304 -25.48 -15.20 -6.29
CA CYS A 304 -26.73 -14.98 -5.56
C CYS A 304 -27.95 -15.38 -6.39
N ALA A 305 -27.77 -15.56 -7.70
CA ALA A 305 -28.85 -15.95 -8.59
C ALA A 305 -28.33 -16.47 -9.94
N SER B 1 29.64 -2.85 7.63
CA SER B 1 30.12 -1.43 7.66
C SER B 1 28.95 -0.44 7.53
N THR B 2 28.47 -0.24 6.29
CA THR B 2 27.34 0.65 6.01
C THR B 2 27.64 2.15 6.07
N VAL B 3 26.98 2.92 5.22
CA VAL B 3 27.16 4.37 5.20
C VAL B 3 26.40 5.05 6.33
N THR B 4 26.87 6.24 6.71
CA THR B 4 26.29 7.06 7.78
C THR B 4 26.74 8.52 7.68
N ASN B 5 27.19 8.90 6.50
CA ASN B 5 27.66 10.26 6.23
C ASN B 5 26.92 10.61 4.93
N GLU B 6 26.67 9.58 4.13
CA GLU B 6 25.96 9.75 2.88
C GLU B 6 24.90 8.66 2.71
N PHE B 7 23.70 9.07 2.29
CA PHE B 7 22.63 8.11 2.04
C PHE B 7 22.42 8.26 0.51
N CYS B 8 23.08 7.40 -0.26
CA CYS B 8 22.97 7.49 -1.72
C CYS B 8 22.06 6.37 -2.23
N ALA B 9 20.79 6.72 -2.52
CA ALA B 9 19.86 5.69 -2.98
C ALA B 9 19.92 5.53 -4.49
N ASP B 10 21.05 5.03 -4.97
CA ASP B 10 21.18 4.85 -6.41
C ASP B 10 21.07 3.38 -6.73
N HIS B 11 20.43 2.64 -5.84
CA HIS B 11 20.19 1.23 -6.10
C HIS B 11 18.88 0.85 -5.38
N PRO B 12 18.25 -0.29 -5.73
CA PRO B 12 16.99 -0.61 -5.07
C PRO B 12 16.88 -0.39 -3.59
N PHE B 13 15.74 0.16 -3.20
CA PHE B 13 15.48 0.43 -1.80
C PHE B 13 14.02 0.24 -1.45
N ILE B 14 13.76 0.16 -0.15
CA ILE B 14 12.40 0.04 0.37
C ILE B 14 12.03 1.37 1.04
N TYR B 15 10.79 1.83 0.88
CA TYR B 15 10.39 3.07 1.51
C TYR B 15 9.08 2.83 2.21
N VAL B 16 8.96 3.42 3.39
CA VAL B 16 7.77 3.20 4.18
C VAL B 16 7.25 4.55 4.66
N ILE B 17 5.98 4.82 4.35
CA ILE B 17 5.34 6.04 4.82
C ILE B 17 4.60 5.64 6.09
N ARG B 18 4.93 6.26 7.22
CA ARG B 18 4.28 5.90 8.49
C ARG B 18 3.93 7.05 9.44
N HIS B 19 3.00 6.79 10.33
CA HIS B 19 2.63 7.79 11.32
C HIS B 19 3.69 7.69 12.42
N VAL B 20 4.09 8.85 12.94
CA VAL B 20 5.12 8.89 13.99
C VAL B 20 4.92 7.89 15.13
N ASP B 21 3.68 7.71 15.57
CA ASP B 21 3.44 6.71 16.62
C ASP B 21 4.05 5.43 16.09
N GLY B 22 3.55 4.96 14.95
CA GLY B 22 4.09 3.75 14.37
C GLY B 22 3.21 3.05 13.34
N LYS B 23 2.01 3.55 13.10
CA LYS B 23 1.14 2.92 12.10
C LYS B 23 1.67 3.11 10.68
N ILE B 24 1.84 2.02 9.96
CA ILE B 24 2.30 2.06 8.58
C ILE B 24 1.17 2.40 7.58
N LEU B 25 1.33 3.50 6.86
CA LEU B 25 0.32 3.92 5.91
C LEU B 25 0.55 3.35 4.50
N PHE B 26 1.81 3.31 4.05
CA PHE B 26 2.17 2.78 2.76
C PHE B 26 3.57 2.13 2.80
N VAL B 27 3.77 1.08 1.99
CA VAL B 27 5.06 0.38 1.88
C VAL B 27 5.28 0.18 0.40
N GLY B 28 6.49 0.46 -0.05
CA GLY B 28 6.84 0.29 -1.43
C GLY B 28 8.31 -0.14 -1.58
N ARG B 29 8.63 -0.55 -2.79
CA ARG B 29 9.98 -0.99 -3.17
C ARG B 29 10.30 -0.22 -4.45
N TYR B 30 11.47 0.40 -4.52
CA TYR B 30 11.85 1.11 -5.75
C TYR B 30 12.95 0.28 -6.45
N CYS B 31 12.57 -0.40 -7.53
CA CYS B 31 13.46 -1.24 -8.35
C CYS B 31 14.04 -0.48 -9.54
N SER B 32 13.25 0.40 -10.16
CA SER B 32 13.77 1.18 -11.26
C SER B 32 12.83 2.33 -11.56
N PRO B 33 13.30 3.30 -12.35
CA PRO B 33 12.48 4.47 -12.69
C PRO B 33 11.38 4.06 -13.65
N THR B 34 10.39 4.93 -13.84
CA THR B 34 9.32 4.60 -14.77
C THR B 34 9.13 5.72 -15.78
N THR B 35 8.85 5.37 -17.04
CA THR B 35 8.66 6.36 -18.09
C THR B 35 9.83 7.34 -18.09
N ASN B 36 9.57 8.59 -18.48
CA ASN B 36 10.60 9.62 -18.52
C ASN B 36 10.00 11.00 -18.29
S1 DTT C . 17.32 -7.49 -10.10
C1 DTT C . 18.26 -7.31 -8.56
C2 DTT C . 17.72 -6.26 -7.56
O2 DTT C . 18.73 -5.27 -7.34
C3 DTT C . 17.36 -6.93 -6.22
O3 DTT C . 18.03 -6.25 -5.15
C4 DTT C . 15.85 -6.90 -5.96
S4 DTT C . 14.82 -6.10 -7.21
#